data_1G3Q
#
_entry.id   1G3Q
#
_cell.length_a   96.040
_cell.length_b   96.040
_cell.length_c   96.040
_cell.angle_alpha   90.00
_cell.angle_beta   90.00
_cell.angle_gamma   90.00
#
_symmetry.space_group_name_H-M   'P 21 3'
#
loop_
_entity.id
_entity.type
_entity.pdbx_description
1 polymer 'CELL DIVISION INHIBITOR'
2 non-polymer 'MAGNESIUM ION'
3 non-polymer "ADENOSINE-5'-DIPHOSPHATE"
4 water water
#
_entity_poly.entity_id   1
_entity_poly.type   'polypeptide(L)'
_entity_poly.pdbx_seq_one_letter_code
;MGRIISIVSGKGGTGKTTVTANLSVALGDRGRKVLAVDGDLTMANLSLVLGVDDPDVTLHDVLAGEANVEDAIYMTQFDN
VYVLPGAVDWEHVLKADPRKLPEVIKSLKDKFDFILIDCPAGLQLDAMSAMLSGEEALLVTNPEISCLTDTMKVGIVLKK
AGLAILGFVLNRYGRSDRDIPPEAAEDVMEVPLLAVIPEDPAIREGTLEGIPAVKYKPESKGAKAFVKLAEEIEKLA
;
_entity_poly.pdbx_strand_id   A
#
loop_
_chem_comp.id
_chem_comp.type
_chem_comp.name
_chem_comp.formula
ADP non-polymer ADENOSINE-5'-DIPHOSPHATE 'C10 H15 N5 O10 P2'
MG non-polymer 'MAGNESIUM ION' 'Mg 2'
#
# COMPACT_ATOMS: atom_id res chain seq x y z
N MET A 1 3.78 -15.20 9.61
CA MET A 1 2.43 -15.23 8.95
C MET A 1 2.57 -15.29 7.44
N GLY A 2 3.42 -14.44 6.88
CA GLY A 2 3.64 -14.42 5.45
C GLY A 2 2.43 -14.00 4.61
N ARG A 3 1.69 -13.01 5.08
CA ARG A 3 0.53 -12.52 4.34
C ARG A 3 0.95 -11.42 3.36
N ILE A 4 0.76 -11.66 2.08
CA ILE A 4 1.12 -10.67 1.06
C ILE A 4 -0.14 -9.94 0.61
N ILE A 5 -0.22 -8.66 0.98
CA ILE A 5 -1.38 -7.84 0.66
C ILE A 5 -1.09 -6.72 -0.32
N SER A 6 -1.82 -6.70 -1.42
CA SER A 6 -1.65 -5.65 -2.43
C SER A 6 -2.57 -4.47 -2.08
N ILE A 7 -1.98 -3.28 -2.01
CA ILE A 7 -2.72 -2.06 -1.69
C ILE A 7 -3.02 -1.48 -3.07
N VAL A 8 -4.29 -1.53 -3.47
CA VAL A 8 -4.67 -1.09 -4.81
C VAL A 8 -5.75 -0.04 -4.93
N SER A 9 -5.96 0.43 -6.15
CA SER A 9 -6.98 1.43 -6.43
C SER A 9 -7.28 1.55 -7.92
N GLY A 10 -8.43 2.13 -8.23
CA GLY A 10 -8.81 2.32 -9.62
C GLY A 10 -8.18 3.60 -10.14
N LYS A 11 -7.85 4.51 -9.23
CA LYS A 11 -7.23 5.78 -9.61
C LYS A 11 -6.04 6.11 -8.73
N GLY A 12 -5.17 6.98 -9.24
CA GLY A 12 -4.00 7.38 -8.48
C GLY A 12 -4.38 8.55 -7.60
N GLY A 13 -3.53 8.85 -6.61
CA GLY A 13 -3.80 9.94 -5.70
C GLY A 13 -4.89 9.64 -4.69
N THR A 14 -5.28 8.38 -4.60
CA THR A 14 -6.33 7.96 -3.68
C THR A 14 -5.82 7.66 -2.26
N GLY A 15 -4.51 7.40 -2.15
CA GLY A 15 -3.94 7.13 -0.84
C GLY A 15 -3.20 5.82 -0.68
N LYS A 16 -2.89 5.14 -1.78
CA LYS A 16 -2.19 3.86 -1.71
C LYS A 16 -0.89 3.91 -0.93
N THR A 17 -0.02 4.86 -1.25
CA THR A 17 1.25 4.95 -0.55
C THR A 17 1.02 5.31 0.92
N THR A 18 0.08 6.22 1.17
CA THR A 18 -0.25 6.66 2.52
C THR A 18 -0.78 5.48 3.36
N VAL A 19 -1.67 4.68 2.77
CA VAL A 19 -2.21 3.54 3.48
C VAL A 19 -1.11 2.51 3.71
N THR A 20 -0.30 2.25 2.68
CA THR A 20 0.79 1.29 2.80
C THR A 20 1.72 1.68 3.95
N ALA A 21 2.19 2.92 3.95
CA ALA A 21 3.09 3.42 4.97
C ALA A 21 2.49 3.41 6.39
N ASN A 22 1.30 3.97 6.55
CA ASN A 22 0.68 4.02 7.87
C ASN A 22 0.30 2.63 8.40
N LEU A 23 -0.24 1.78 7.53
CA LEU A 23 -0.62 0.44 7.95
C LEU A 23 0.64 -0.34 8.37
N SER A 24 1.72 -0.16 7.62
CA SER A 24 2.98 -0.84 7.94
C SER A 24 3.44 -0.49 9.35
N VAL A 25 3.47 0.80 9.65
CA VAL A 25 3.92 1.25 10.96
C VAL A 25 2.96 0.81 12.07
N ALA A 26 1.66 0.89 11.80
CA ALA A 26 0.66 0.46 12.78
C ALA A 26 0.85 -1.01 13.12
N LEU A 27 0.98 -1.85 12.08
CA LEU A 27 1.17 -3.28 12.30
C LEU A 27 2.51 -3.56 12.98
N GLY A 28 3.54 -2.83 12.57
CA GLY A 28 4.84 -3.01 13.17
C GLY A 28 4.80 -2.68 14.65
N ASP A 29 4.00 -1.67 14.98
CA ASP A 29 3.87 -1.23 16.36
C ASP A 29 3.12 -2.27 17.20
N ARG A 30 2.38 -3.15 16.53
CA ARG A 30 1.62 -4.19 17.23
C ARG A 30 2.50 -5.43 17.38
N GLY A 31 3.73 -5.34 16.93
CA GLY A 31 4.65 -6.46 17.05
C GLY A 31 4.80 -7.34 15.82
N ARG A 32 4.15 -6.99 14.73
CA ARG A 32 4.23 -7.80 13.51
C ARG A 32 5.39 -7.34 12.64
N LYS A 33 6.11 -8.29 12.04
CA LYS A 33 7.24 -7.98 11.18
C LYS A 33 6.70 -7.65 9.79
N VAL A 34 6.92 -6.41 9.36
CA VAL A 34 6.40 -5.93 8.09
C VAL A 34 7.43 -5.52 7.04
N LEU A 35 7.12 -5.83 5.77
CA LEU A 35 7.96 -5.42 4.65
C LEU A 35 7.06 -4.56 3.77
N ALA A 36 7.40 -3.27 3.67
CA ALA A 36 6.63 -2.36 2.83
C ALA A 36 7.34 -2.37 1.47
N VAL A 37 6.61 -2.79 0.44
CA VAL A 37 7.18 -2.87 -0.91
C VAL A 37 6.67 -1.78 -1.83
N ASP A 38 7.59 -1.07 -2.48
CA ASP A 38 7.21 -0.02 -3.41
C ASP A 38 7.08 -0.60 -4.81
N GLY A 39 5.86 -1.06 -5.14
CA GLY A 39 5.64 -1.63 -6.45
C GLY A 39 5.20 -0.59 -7.48
N ASP A 40 5.28 0.68 -7.11
CA ASP A 40 4.90 1.74 -8.04
C ASP A 40 6.18 2.15 -8.77
N LEU A 41 6.55 1.31 -9.72
CA LEU A 41 7.77 1.49 -10.49
C LEU A 41 8.01 2.84 -11.15
N THR A 42 6.97 3.49 -11.67
CA THR A 42 7.16 4.78 -12.33
C THR A 42 7.04 5.97 -11.39
N MET A 43 6.58 5.74 -10.17
CA MET A 43 6.42 6.82 -9.19
C MET A 43 6.79 6.31 -7.80
N ALA A 44 8.07 5.96 -7.61
CA ALA A 44 8.53 5.46 -6.32
C ALA A 44 8.48 6.56 -5.26
N ASN A 45 7.61 6.41 -4.28
CA ASN A 45 7.46 7.37 -3.19
C ASN A 45 7.52 6.73 -1.81
N LEU A 46 7.19 5.44 -1.74
CA LEU A 46 7.13 4.73 -0.46
C LEU A 46 8.33 4.88 0.47
N SER A 47 9.52 4.59 -0.02
CA SER A 47 10.73 4.70 0.80
C SER A 47 10.88 6.08 1.41
N LEU A 48 10.62 7.12 0.63
CA LEU A 48 10.74 8.50 1.10
C LEU A 48 9.73 8.77 2.22
N VAL A 49 8.51 8.29 2.02
CA VAL A 49 7.45 8.47 3.00
C VAL A 49 7.77 7.72 4.31
N LEU A 50 8.63 6.72 4.22
CA LEU A 50 9.02 5.97 5.42
C LEU A 50 10.35 6.47 5.98
N GLY A 51 10.87 7.55 5.42
CA GLY A 51 12.12 8.12 5.93
C GLY A 51 13.43 7.48 5.50
N VAL A 52 13.38 6.60 4.51
CA VAL A 52 14.59 5.95 4.00
C VAL A 52 14.85 6.64 2.66
N ASP A 53 15.69 7.66 2.69
CA ASP A 53 15.93 8.45 1.49
C ASP A 53 17.18 8.17 0.67
N ASP A 54 18.07 7.34 1.17
CA ASP A 54 19.33 7.12 0.46
C ASP A 54 19.69 5.71 -0.04
N PRO A 55 18.71 4.80 -0.17
CA PRO A 55 19.08 3.45 -0.62
C PRO A 55 19.81 3.36 -1.97
N ASP A 56 20.94 2.67 -1.98
CA ASP A 56 21.71 2.50 -3.21
C ASP A 56 21.16 1.36 -4.06
N VAL A 57 20.51 0.40 -3.41
CA VAL A 57 19.96 -0.76 -4.11
C VAL A 57 18.46 -0.77 -3.95
N THR A 58 17.74 -0.92 -5.07
CA THR A 58 16.30 -0.90 -5.04
C THR A 58 15.65 -2.10 -5.74
N LEU A 59 14.33 -2.15 -5.66
CA LEU A 59 13.57 -3.21 -6.30
C LEU A 59 13.85 -3.14 -7.81
N HIS A 60 14.08 -1.93 -8.32
CA HIS A 60 14.35 -1.75 -9.75
C HIS A 60 15.62 -2.49 -10.16
N ASP A 61 16.62 -2.47 -9.28
CA ASP A 61 17.88 -3.16 -9.54
C ASP A 61 17.61 -4.66 -9.60
N VAL A 62 16.79 -5.13 -8.67
CA VAL A 62 16.42 -6.54 -8.60
C VAL A 62 15.68 -6.96 -9.86
N LEU A 63 14.69 -6.17 -10.26
CA LEU A 63 13.88 -6.45 -11.44
C LEU A 63 14.67 -6.36 -12.74
N ALA A 64 15.84 -5.73 -12.69
CA ALA A 64 16.69 -5.62 -13.86
C ALA A 64 17.66 -6.79 -13.87
N GLY A 65 17.55 -7.62 -12.83
CA GLY A 65 18.43 -8.79 -12.71
C GLY A 65 19.84 -8.41 -12.31
N GLU A 66 20.00 -7.23 -11.71
CA GLU A 66 21.31 -6.76 -11.30
C GLU A 66 21.59 -6.86 -9.81
N ALA A 67 20.63 -7.40 -9.05
CA ALA A 67 20.82 -7.53 -7.61
C ALA A 67 19.88 -8.56 -7.00
N ASN A 68 20.32 -9.18 -5.90
CA ASN A 68 19.49 -10.15 -5.19
C ASN A 68 18.53 -9.35 -4.32
N VAL A 69 17.27 -9.77 -4.26
CA VAL A 69 16.28 -9.04 -3.49
C VAL A 69 16.71 -8.82 -2.03
N GLU A 70 17.53 -9.72 -1.50
CA GLU A 70 18.01 -9.61 -0.13
C GLU A 70 18.77 -8.29 0.07
N ASP A 71 19.47 -7.85 -0.97
CA ASP A 71 20.25 -6.62 -0.89
C ASP A 71 19.46 -5.34 -1.11
N ALA A 72 18.15 -5.47 -1.28
CA ALA A 72 17.30 -4.30 -1.48
C ALA A 72 16.35 -4.16 -0.30
N ILE A 73 16.63 -4.89 0.78
CA ILE A 73 15.81 -4.81 1.99
C ILE A 73 16.49 -3.90 3.01
N TYR A 74 15.81 -2.83 3.39
CA TYR A 74 16.36 -1.87 4.34
C TYR A 74 15.56 -1.74 5.62
N MET A 75 16.23 -1.29 6.67
CA MET A 75 15.60 -1.06 7.95
C MET A 75 14.93 0.30 7.81
N THR A 76 14.03 0.63 8.73
CA THR A 76 13.39 1.94 8.76
C THR A 76 13.53 2.32 10.23
N GLN A 77 13.18 3.56 10.57
CA GLN A 77 13.28 3.99 11.96
C GLN A 77 12.13 3.43 12.80
N PHE A 78 11.27 2.63 12.17
CA PHE A 78 10.12 2.07 12.87
C PHE A 78 10.31 0.61 13.25
N ASP A 79 9.91 0.28 14.48
CA ASP A 79 10.02 -1.07 14.99
C ASP A 79 9.31 -2.08 14.13
N ASN A 80 10.05 -3.12 13.74
CA ASN A 80 9.53 -4.22 12.94
C ASN A 80 9.11 -3.86 11.51
N VAL A 81 9.53 -2.69 11.04
CA VAL A 81 9.17 -2.28 9.69
C VAL A 81 10.38 -2.17 8.78
N TYR A 82 10.34 -2.90 7.68
CA TYR A 82 11.43 -2.87 6.71
C TYR A 82 10.87 -2.41 5.39
N VAL A 83 11.73 -1.95 4.49
CA VAL A 83 11.27 -1.47 3.20
C VAL A 83 12.09 -2.00 2.03
N LEU A 84 11.39 -2.26 0.93
CA LEU A 84 11.98 -2.71 -0.33
C LEU A 84 11.65 -1.48 -1.19
N PRO A 85 12.57 -0.51 -1.24
CA PRO A 85 12.43 0.74 -1.98
C PRO A 85 12.52 0.69 -3.50
N GLY A 86 11.96 1.70 -4.13
CA GLY A 86 12.01 1.79 -5.58
C GLY A 86 12.92 2.94 -5.95
N ALA A 87 13.55 2.85 -7.12
CA ALA A 87 14.43 3.93 -7.58
C ALA A 87 13.55 4.99 -8.22
N VAL A 88 14.03 6.23 -8.27
CA VAL A 88 13.25 7.30 -8.87
C VAL A 88 13.71 7.68 -10.28
N ASP A 89 14.99 7.43 -10.59
CA ASP A 89 15.51 7.79 -11.92
C ASP A 89 14.92 6.97 -13.07
N TRP A 90 14.71 7.64 -14.20
CA TRP A 90 14.11 7.00 -15.36
C TRP A 90 14.84 5.78 -15.90
N GLU A 91 16.16 5.79 -15.89
CA GLU A 91 16.93 4.65 -16.40
C GLU A 91 16.54 3.40 -15.60
N HIS A 92 16.42 3.54 -14.28
CA HIS A 92 16.03 2.42 -13.44
C HIS A 92 14.61 1.99 -13.77
N VAL A 93 13.74 2.97 -14.01
CA VAL A 93 12.36 2.65 -14.35
C VAL A 93 12.34 1.80 -15.62
N LEU A 94 13.12 2.20 -16.61
CA LEU A 94 13.17 1.48 -17.88
C LEU A 94 13.63 0.03 -17.78
N LYS A 95 14.75 -0.19 -17.08
CA LYS A 95 15.30 -1.53 -16.98
C LYS A 95 14.63 -2.51 -16.02
N ALA A 96 13.70 -2.03 -15.21
CA ALA A 96 13.00 -2.91 -14.27
C ALA A 96 11.91 -3.70 -14.99
N ASP A 97 12.09 -5.01 -15.08
CA ASP A 97 11.08 -5.87 -15.72
C ASP A 97 9.96 -6.09 -14.71
N PRO A 98 8.80 -5.46 -14.92
CA PRO A 98 7.67 -5.61 -14.00
C PRO A 98 7.11 -7.02 -13.92
N ARG A 99 7.32 -7.80 -14.97
CA ARG A 99 6.81 -9.17 -15.02
C ARG A 99 7.47 -10.07 -13.97
N LYS A 100 8.60 -9.63 -13.41
CA LYS A 100 9.29 -10.43 -12.40
C LYS A 100 8.90 -10.05 -10.97
N LEU A 101 7.98 -9.11 -10.83
CA LEU A 101 7.53 -8.69 -9.51
C LEU A 101 6.93 -9.84 -8.68
N PRO A 102 5.99 -10.59 -9.26
CA PRO A 102 5.39 -11.70 -8.51
C PRO A 102 6.40 -12.70 -7.94
N GLU A 103 7.34 -13.16 -8.75
CA GLU A 103 8.33 -14.12 -8.28
C GLU A 103 9.26 -13.50 -7.23
N VAL A 104 9.64 -12.25 -7.44
CA VAL A 104 10.54 -11.59 -6.49
C VAL A 104 9.88 -11.39 -5.12
N ILE A 105 8.69 -10.82 -5.11
CA ILE A 105 7.99 -10.58 -3.87
C ILE A 105 7.65 -11.86 -3.11
N LYS A 106 7.02 -12.80 -3.79
CA LYS A 106 6.63 -14.05 -3.17
C LYS A 106 7.79 -14.84 -2.56
N SER A 107 9.01 -14.62 -3.05
CA SER A 107 10.18 -15.31 -2.52
C SER A 107 10.53 -14.82 -1.11
N LEU A 108 9.91 -13.72 -0.69
CA LEU A 108 10.17 -13.15 0.63
C LEU A 108 9.09 -13.51 1.65
N LYS A 109 8.07 -14.22 1.18
CA LYS A 109 6.94 -14.62 2.00
C LYS A 109 7.28 -15.20 3.38
N ASP A 110 8.31 -16.04 3.44
CA ASP A 110 8.69 -16.69 4.68
C ASP A 110 9.47 -15.85 5.69
N LYS A 111 9.85 -14.62 5.31
CA LYS A 111 10.62 -13.77 6.21
C LYS A 111 9.83 -12.65 6.89
N PHE A 112 8.54 -12.53 6.58
CA PHE A 112 7.72 -11.46 7.16
C PHE A 112 6.32 -11.93 7.51
N ASP A 113 5.69 -11.23 8.45
CA ASP A 113 4.31 -11.54 8.85
C ASP A 113 3.39 -10.88 7.85
N PHE A 114 3.79 -9.70 7.37
CA PHE A 114 3.03 -8.94 6.40
C PHE A 114 3.94 -8.32 5.36
N ILE A 115 3.54 -8.42 4.10
CA ILE A 115 4.28 -7.80 3.02
C ILE A 115 3.21 -6.94 2.36
N LEU A 116 3.33 -5.63 2.49
CA LEU A 116 2.34 -4.73 1.93
C LEU A 116 2.90 -4.10 0.66
N ILE A 117 2.24 -4.37 -0.47
CA ILE A 117 2.70 -3.85 -1.76
C ILE A 117 1.98 -2.58 -2.20
N ASP A 118 2.72 -1.49 -2.27
CA ASP A 118 2.18 -0.20 -2.70
C ASP A 118 2.12 -0.33 -4.23
N CYS A 119 0.92 -0.38 -4.79
CA CYS A 119 0.78 -0.55 -6.23
C CYS A 119 0.37 0.69 -6.99
N PRO A 120 0.76 0.77 -8.26
CA PRO A 120 0.36 1.95 -9.04
C PRO A 120 -1.11 1.65 -9.33
N ALA A 121 -1.89 2.65 -9.66
CA ALA A 121 -3.31 2.43 -9.93
C ALA A 121 -3.54 1.93 -11.35
N GLY A 122 -4.75 1.43 -11.59
CA GLY A 122 -5.08 0.98 -12.93
C GLY A 122 -4.96 -0.49 -13.25
N LEU A 123 -5.02 -0.80 -14.54
CA LEU A 123 -4.95 -2.16 -15.01
C LEU A 123 -3.88 -2.39 -16.07
N GLN A 124 -2.98 -1.42 -16.26
CA GLN A 124 -1.93 -1.59 -17.25
C GLN A 124 -0.85 -2.54 -16.71
N LEU A 125 0.17 -2.81 -17.50
CA LEU A 125 1.22 -3.76 -17.12
C LEU A 125 1.83 -3.62 -15.73
N ASP A 126 2.42 -2.46 -15.44
CA ASP A 126 3.04 -2.25 -14.13
C ASP A 126 2.04 -2.48 -13.01
N ALA A 127 0.84 -1.93 -13.15
CA ALA A 127 -0.19 -2.08 -12.13
C ALA A 127 -0.56 -3.54 -11.90
N MET A 128 -0.80 -4.26 -12.98
CA MET A 128 -1.16 -5.68 -12.89
C MET A 128 -0.04 -6.52 -12.30
N SER A 129 1.18 -6.27 -12.74
CA SER A 129 2.35 -7.02 -12.24
C SER A 129 2.50 -6.88 -10.73
N ALA A 130 2.25 -5.66 -10.22
CA ALA A 130 2.38 -5.40 -8.81
C ALA A 130 1.23 -6.04 -8.04
N MET A 131 0.00 -5.72 -8.43
CA MET A 131 -1.18 -6.27 -7.75
C MET A 131 -1.17 -7.79 -7.72
N LEU A 132 -0.80 -8.41 -8.83
CA LEU A 132 -0.77 -9.86 -8.93
C LEU A 132 0.36 -10.51 -8.15
N SER A 133 1.18 -9.69 -7.49
CA SER A 133 2.28 -10.20 -6.68
C SER A 133 1.75 -10.54 -5.28
N GLY A 134 0.54 -10.09 -5.00
CA GLY A 134 -0.06 -10.35 -3.70
C GLY A 134 -1.05 -11.51 -3.68
N GLU A 135 -1.43 -11.93 -2.47
CA GLU A 135 -2.37 -13.03 -2.28
C GLU A 135 -3.71 -12.45 -1.84
N GLU A 136 -3.64 -11.29 -1.20
CA GLU A 136 -4.81 -10.58 -0.70
C GLU A 136 -4.79 -9.17 -1.26
N ALA A 137 -5.95 -8.53 -1.30
CA ALA A 137 -6.03 -7.18 -1.82
C ALA A 137 -6.85 -6.27 -0.92
N LEU A 138 -6.31 -5.08 -0.65
CA LEU A 138 -6.99 -4.09 0.16
C LEU A 138 -7.29 -2.94 -0.79
N LEU A 139 -8.57 -2.77 -1.13
CA LEU A 139 -8.96 -1.71 -2.05
C LEU A 139 -8.94 -0.35 -1.38
N VAL A 140 -8.34 0.62 -2.06
CA VAL A 140 -8.26 1.98 -1.54
C VAL A 140 -9.03 2.87 -2.50
N THR A 141 -9.98 3.64 -1.97
CA THR A 141 -10.79 4.52 -2.81
C THR A 141 -11.19 5.80 -2.08
N ASN A 142 -11.64 6.78 -2.84
CA ASN A 142 -12.11 8.04 -2.27
C ASN A 142 -13.63 8.03 -2.41
N PRO A 143 -14.32 8.96 -1.73
CA PRO A 143 -15.79 9.05 -1.78
C PRO A 143 -16.42 9.49 -3.11
N GLU A 144 -15.72 9.27 -4.22
CA GLU A 144 -16.26 9.64 -5.53
C GLU A 144 -16.81 8.40 -6.22
N ILE A 145 -18.02 8.50 -6.74
CA ILE A 145 -18.64 7.36 -7.41
C ILE A 145 -17.75 6.77 -8.50
N SER A 146 -17.14 7.64 -9.31
CA SER A 146 -16.26 7.16 -10.37
C SER A 146 -15.06 6.42 -9.79
N CYS A 147 -14.54 6.91 -8.67
CA CYS A 147 -13.40 6.27 -8.04
C CYS A 147 -13.84 4.94 -7.44
N LEU A 148 -15.05 4.91 -6.88
CA LEU A 148 -15.57 3.70 -6.29
C LEU A 148 -15.78 2.63 -7.36
N THR A 149 -16.49 2.97 -8.43
CA THR A 149 -16.75 2.04 -9.50
C THR A 149 -15.47 1.54 -10.17
N ASP A 150 -14.52 2.45 -10.37
CA ASP A 150 -13.25 2.06 -10.98
C ASP A 150 -12.49 1.09 -10.09
N THR A 151 -12.42 1.40 -8.79
CA THR A 151 -11.73 0.54 -7.84
C THR A 151 -12.45 -0.80 -7.73
N MET A 152 -13.77 -0.77 -7.82
CA MET A 152 -14.57 -1.97 -7.76
C MET A 152 -14.13 -2.91 -8.88
N LYS A 153 -14.00 -2.34 -10.08
CA LYS A 153 -13.59 -3.10 -11.25
C LYS A 153 -12.24 -3.79 -11.02
N VAL A 154 -11.32 -3.06 -10.39
CA VAL A 154 -10.01 -3.63 -10.10
C VAL A 154 -10.17 -4.82 -9.16
N GLY A 155 -11.02 -4.65 -8.15
CA GLY A 155 -11.27 -5.71 -7.20
C GLY A 155 -11.81 -6.96 -7.88
N ILE A 156 -12.73 -6.75 -8.82
CA ILE A 156 -13.32 -7.87 -9.55
C ILE A 156 -12.23 -8.59 -10.33
N VAL A 157 -11.36 -7.83 -10.98
CA VAL A 157 -10.28 -8.41 -11.76
C VAL A 157 -9.37 -9.24 -10.85
N LEU A 158 -8.95 -8.65 -9.75
CA LEU A 158 -8.07 -9.35 -8.81
C LEU A 158 -8.76 -10.58 -8.22
N LYS A 159 -10.06 -10.46 -7.96
CA LYS A 159 -10.82 -11.57 -7.41
C LYS A 159 -10.78 -12.75 -8.38
N LYS A 160 -10.98 -12.46 -9.66
CA LYS A 160 -10.95 -13.48 -10.70
C LYS A 160 -9.54 -14.05 -10.87
N ALA A 161 -8.54 -13.21 -10.58
CA ALA A 161 -7.15 -13.63 -10.70
C ALA A 161 -6.75 -14.57 -9.57
N GLY A 162 -7.62 -14.71 -8.57
CA GLY A 162 -7.32 -15.59 -7.46
C GLY A 162 -7.03 -14.94 -6.12
N LEU A 163 -6.95 -13.61 -6.08
CA LEU A 163 -6.67 -12.92 -4.82
C LEU A 163 -7.87 -12.80 -3.90
N ALA A 164 -7.62 -12.93 -2.60
CA ALA A 164 -8.67 -12.80 -1.59
C ALA A 164 -8.86 -11.31 -1.35
N ILE A 165 -10.06 -10.81 -1.61
CA ILE A 165 -10.35 -9.39 -1.42
C ILE A 165 -10.78 -9.15 0.02
N LEU A 166 -9.89 -8.57 0.81
CA LEU A 166 -10.14 -8.28 2.22
C LEU A 166 -11.28 -7.30 2.42
N GLY A 167 -11.35 -6.31 1.54
CA GLY A 167 -12.38 -5.29 1.65
C GLY A 167 -11.80 -3.98 1.14
N PHE A 168 -12.39 -2.85 1.54
CA PHE A 168 -11.87 -1.57 1.09
C PHE A 168 -11.75 -0.52 2.18
N VAL A 169 -10.96 0.50 1.88
CA VAL A 169 -10.74 1.62 2.79
C VAL A 169 -11.30 2.86 2.11
N LEU A 170 -12.13 3.60 2.83
CA LEU A 170 -12.71 4.82 2.28
C LEU A 170 -11.82 5.95 2.80
N ASN A 171 -10.88 6.37 1.97
CA ASN A 171 -9.94 7.42 2.37
C ASN A 171 -10.36 8.83 1.96
N ARG A 172 -9.81 9.80 2.68
CA ARG A 172 -10.07 11.21 2.44
C ARG A 172 -11.55 11.57 2.59
N TYR A 173 -12.22 10.94 3.56
CA TYR A 173 -13.62 11.23 3.79
C TYR A 173 -13.78 12.52 4.58
N GLY A 174 -14.66 13.39 4.10
CA GLY A 174 -14.89 14.66 4.77
C GLY A 174 -14.21 15.80 4.04
N ARG A 175 -13.54 15.46 2.94
CA ARG A 175 -12.85 16.44 2.13
C ARG A 175 -13.83 17.36 1.42
N SER A 176 -15.03 16.85 1.14
CA SER A 176 -16.07 17.62 0.46
C SER A 176 -17.48 17.23 0.91
N ASP A 177 -18.38 18.20 0.90
CA ASP A 177 -19.77 17.95 1.30
C ASP A 177 -20.47 17.06 0.29
N ARG A 178 -19.75 16.70 -0.77
CA ARG A 178 -20.31 15.86 -1.83
C ARG A 178 -19.87 14.40 -1.66
N ASP A 179 -19.03 14.14 -0.67
CA ASP A 179 -18.54 12.79 -0.43
C ASP A 179 -19.66 11.79 -0.14
N ILE A 180 -19.53 10.61 -0.72
CA ILE A 180 -20.50 9.54 -0.52
C ILE A 180 -20.26 8.97 0.88
N PRO A 181 -21.28 8.98 1.74
CA PRO A 181 -21.12 8.44 3.10
C PRO A 181 -20.71 6.96 3.08
N PRO A 182 -19.97 6.52 4.11
CA PRO A 182 -19.50 5.13 4.23
C PRO A 182 -20.52 4.03 4.00
N GLU A 183 -21.68 4.13 4.64
CA GLU A 183 -22.71 3.11 4.48
C GLU A 183 -23.09 2.95 3.01
N ALA A 184 -23.22 4.08 2.32
CA ALA A 184 -23.56 4.08 0.90
C ALA A 184 -22.39 3.62 0.05
N ALA A 185 -21.18 3.99 0.46
CA ALA A 185 -19.98 3.61 -0.27
C ALA A 185 -19.83 2.09 -0.23
N GLU A 186 -20.09 1.50 0.93
CA GLU A 186 -19.98 0.06 1.08
C GLU A 186 -21.03 -0.62 0.21
N ASP A 187 -22.23 -0.04 0.18
CA ASP A 187 -23.32 -0.58 -0.62
C ASP A 187 -22.91 -0.61 -2.09
N VAL A 188 -22.09 0.35 -2.49
CA VAL A 188 -21.61 0.43 -3.87
C VAL A 188 -20.47 -0.53 -4.15
N MET A 189 -19.46 -0.51 -3.29
CA MET A 189 -18.29 -1.36 -3.45
C MET A 189 -18.55 -2.85 -3.51
N GLU A 190 -19.54 -3.32 -2.76
CA GLU A 190 -19.90 -4.73 -2.72
C GLU A 190 -18.90 -5.57 -1.91
N VAL A 191 -18.00 -4.89 -1.21
CA VAL A 191 -17.01 -5.56 -0.36
C VAL A 191 -17.02 -4.87 1.00
N PRO A 192 -16.63 -5.58 2.06
CA PRO A 192 -16.61 -5.02 3.42
C PRO A 192 -15.82 -3.73 3.59
N LEU A 193 -16.43 -2.76 4.26
CA LEU A 193 -15.77 -1.49 4.54
C LEU A 193 -14.91 -1.77 5.76
N LEU A 194 -13.60 -1.80 5.57
CA LEU A 194 -12.69 -2.09 6.68
C LEU A 194 -12.29 -0.88 7.50
N ALA A 195 -12.35 0.31 6.90
CA ALA A 195 -12.00 1.51 7.63
C ALA A 195 -12.27 2.78 6.86
N VAL A 196 -12.61 3.83 7.59
CA VAL A 196 -12.85 5.13 7.01
C VAL A 196 -11.70 5.99 7.51
N ILE A 197 -10.88 6.47 6.59
CA ILE A 197 -9.75 7.34 6.94
C ILE A 197 -10.21 8.74 6.58
N PRO A 198 -10.39 9.60 7.58
CA PRO A 198 -10.83 10.96 7.30
C PRO A 198 -9.79 11.84 6.62
N GLU A 199 -10.26 12.88 5.95
CA GLU A 199 -9.38 13.84 5.31
C GLU A 199 -8.76 14.48 6.55
N ASP A 200 -7.44 14.47 6.66
CA ASP A 200 -6.80 15.01 7.85
C ASP A 200 -5.43 15.61 7.53
N PRO A 201 -5.27 16.92 7.75
CA PRO A 201 -3.99 17.59 7.48
C PRO A 201 -2.82 16.86 8.13
N ALA A 202 -3.08 16.19 9.25
CA ALA A 202 -2.03 15.45 9.96
C ALA A 202 -1.40 14.37 9.09
N ILE A 203 -2.22 13.75 8.23
CA ILE A 203 -1.74 12.71 7.34
C ILE A 203 -0.78 13.31 6.31
N ARG A 204 -1.17 14.45 5.73
CA ARG A 204 -0.33 15.14 4.75
C ARG A 204 0.96 15.57 5.44
N GLU A 205 0.86 16.03 6.68
CA GLU A 205 2.03 16.48 7.41
C GLU A 205 3.01 15.31 7.57
N GLY A 206 2.47 14.13 7.90
CA GLY A 206 3.32 12.96 8.05
C GLY A 206 4.02 12.64 6.75
N THR A 207 3.28 12.70 5.65
CA THR A 207 3.82 12.42 4.33
C THR A 207 5.05 13.28 4.06
N LEU A 208 4.93 14.58 4.27
CA LEU A 208 6.02 15.51 4.05
C LEU A 208 7.17 15.34 5.05
N GLU A 209 6.83 14.91 6.25
CA GLU A 209 7.82 14.71 7.30
C GLU A 209 8.64 13.43 7.11
N GLY A 210 8.08 12.47 6.40
CA GLY A 210 8.82 11.22 6.22
C GLY A 210 8.56 10.32 7.42
N ILE A 211 7.48 10.62 8.15
CA ILE A 211 7.08 9.85 9.32
C ILE A 211 5.56 9.74 9.25
N PRO A 212 5.04 8.54 8.99
CA PRO A 212 3.58 8.35 8.91
C PRO A 212 2.84 8.92 10.11
N ALA A 213 1.74 9.60 9.83
CA ALA A 213 0.92 10.22 10.86
C ALA A 213 0.57 9.30 12.02
N VAL A 214 0.39 8.01 11.73
CA VAL A 214 0.04 7.07 12.78
C VAL A 214 1.03 7.15 13.93
N LYS A 215 2.29 7.47 13.63
CA LYS A 215 3.29 7.58 14.68
C LYS A 215 3.66 9.04 14.97
N TYR A 216 3.81 9.84 13.92
CA TYR A 216 4.20 11.25 14.06
C TYR A 216 3.18 12.04 14.90
N LYS A 217 1.89 11.89 14.60
CA LYS A 217 0.85 12.59 15.35
C LYS A 217 -0.19 11.54 15.77
N PRO A 218 0.16 10.73 16.78
CA PRO A 218 -0.64 9.64 17.34
C PRO A 218 -2.05 9.93 17.86
N GLU A 219 -2.38 11.19 18.13
CA GLU A 219 -3.72 11.51 18.62
C GLU A 219 -4.62 12.11 17.55
N SER A 220 -4.11 12.24 16.34
CA SER A 220 -4.91 12.78 15.24
C SER A 220 -5.98 11.75 14.83
N LYS A 221 -7.05 12.24 14.22
CA LYS A 221 -8.13 11.35 13.76
C LYS A 221 -7.58 10.35 12.74
N GLY A 222 -6.70 10.82 11.88
CA GLY A 222 -6.11 9.95 10.86
C GLY A 222 -5.31 8.82 11.49
N ALA A 223 -4.48 9.17 12.47
CA ALA A 223 -3.65 8.17 13.15
C ALA A 223 -4.52 7.10 13.79
N LYS A 224 -5.53 7.54 14.54
CA LYS A 224 -6.42 6.59 15.21
C LYS A 224 -7.16 5.68 14.24
N ALA A 225 -7.57 6.21 13.09
CA ALA A 225 -8.28 5.39 12.11
C ALA A 225 -7.36 4.30 11.56
N PHE A 226 -6.09 4.65 11.33
CA PHE A 226 -5.14 3.66 10.82
C PHE A 226 -4.84 2.57 11.84
N VAL A 227 -4.84 2.92 13.13
CA VAL A 227 -4.59 1.94 14.17
C VAL A 227 -5.74 0.93 14.15
N LYS A 228 -6.96 1.43 13.99
CA LYS A 228 -8.14 0.56 13.91
C LYS A 228 -8.07 -0.32 12.67
N LEU A 229 -7.61 0.26 11.56
CA LEU A 229 -7.50 -0.52 10.32
C LEU A 229 -6.54 -1.68 10.54
N ALA A 230 -5.41 -1.41 11.20
CA ALA A 230 -4.41 -2.43 11.47
C ALA A 230 -5.05 -3.56 12.29
N GLU A 231 -5.88 -3.18 13.25
CA GLU A 231 -6.56 -4.15 14.10
C GLU A 231 -7.45 -5.03 13.22
N GLU A 232 -8.22 -4.40 12.34
CA GLU A 232 -9.12 -5.12 11.45
C GLU A 232 -8.37 -6.07 10.51
N ILE A 233 -7.28 -5.60 9.94
CA ILE A 233 -6.48 -6.42 9.03
C ILE A 233 -6.04 -7.70 9.72
N GLU A 234 -5.62 -7.59 10.97
CA GLU A 234 -5.18 -8.75 11.73
C GLU A 234 -6.31 -9.74 11.95
N LYS A 235 -7.50 -9.21 12.21
CA LYS A 235 -8.68 -10.04 12.46
C LYS A 235 -9.08 -10.88 11.25
N LEU A 236 -8.88 -10.34 10.05
CA LEU A 236 -9.24 -11.03 8.83
C LEU A 236 -8.26 -12.13 8.46
N ALA A 237 -7.27 -12.37 9.32
CA ALA A 237 -6.28 -13.40 9.06
C ALA A 237 -6.98 -14.75 8.96
MG MG B . 1.69 6.27 -4.37
PB ADP C . -1.40 7.48 -4.17
O1B ADP C . -1.09 8.07 -5.46
O2B ADP C . -2.70 6.79 -4.26
O3B ADP C . -0.27 6.48 -3.51
PA ADP C . -0.82 9.08 -1.91
O1A ADP C . 0.50 9.54 -2.20
O2A ADP C . -0.88 8.07 -0.89
O3A ADP C . -1.58 8.62 -3.14
O5' ADP C . -1.58 10.28 -1.43
C5' ADP C . -1.73 11.53 -2.21
C4' ADP C . -1.59 12.74 -1.37
O4' ADP C . -2.76 12.95 -0.53
C3' ADP C . -0.45 12.71 -0.40
O3' ADP C . 0.26 13.94 -0.42
C2' ADP C . -1.04 12.49 0.96
O2' ADP C . -0.33 13.10 2.04
C1' ADP C . -2.39 13.04 0.88
N9 ADP C . -3.42 12.23 1.59
C8 ADP C . -3.81 10.88 1.48
N7 ADP C . -4.76 10.49 2.28
C5 ADP C . -5.06 11.65 2.98
C6 ADP C . -6.01 11.92 4.01
N6 ADP C . -6.81 10.95 4.44
N1 ADP C . -6.06 13.22 4.52
C2 ADP C . -5.23 14.20 4.06
N3 ADP C . -4.30 14.02 3.08
C4 ADP C . -4.26 12.72 2.58
#